data_5HAE
#
_entry.id   5HAE
#
_cell.length_a   34.269
_cell.length_b   58.388
_cell.length_c   36.018
_cell.angle_alpha   90.000
_cell.angle_beta   103.750
_cell.angle_gamma   90.000
#
_symmetry.space_group_name_H-M   'P 1 21 1'
#
loop_
_entity.id
_entity.type
_entity.pdbx_description
1 polymer 'Lipocalin AI-4'
2 non-polymer '(5S,7E,9E,11Z,14Z)-5-hydroxyicosa-7,9,11,14-tetraenoic acid'
3 non-polymer GLUTATHIONE
4 water water
#
_entity_poly.entity_id   1
_entity_poly.type   'polypeptide(L)'
_entity_poly.pdbx_seq_one_letter_code
;AEVTSIPTGCNALSGKIMSGFDANRFFTGDWYLTHSRDSEVPVRCEKYQTGSNLQLNFNGKNGDVKCSGSTVSGNQGFYS
FQCTTTSGGSFTSYMAVVETDYANYALLYRCGLYGSTTPKDNFLLFNRQSSGEIPAGLSTKLNQLELTSLNKLGCS
;
_entity_poly.pdbx_strand_id   A
#
# COMPACT_ATOMS: atom_id res chain seq x y z
N GLU A 2 -2.94 9.42 -19.89
CA GLU A 2 -1.85 8.89 -20.71
C GLU A 2 -1.33 7.56 -20.20
N VAL A 3 -1.08 7.46 -18.89
CA VAL A 3 -0.49 6.24 -18.34
C VAL A 3 -1.58 5.23 -17.98
N THR A 4 -1.58 4.12 -18.72
CA THR A 4 -2.74 3.23 -18.72
C THR A 4 -2.43 1.84 -18.15
N SER A 5 -1.19 1.65 -17.70
CA SER A 5 -0.84 0.40 -17.03
C SER A 5 0.31 0.66 -16.08
N ILE A 6 0.56 -0.27 -15.17
CA ILE A 6 1.59 -0.07 -14.15
C ILE A 6 2.98 -0.18 -14.78
N PRO A 7 4.02 0.32 -14.11
CA PRO A 7 5.32 0.36 -14.78
C PRO A 7 5.85 -1.03 -15.11
N THR A 8 6.54 -1.15 -16.22
CA THR A 8 7.19 -2.41 -16.60
C THR A 8 8.05 -2.95 -15.46
N GLY A 9 7.80 -4.17 -15.01
CA GLY A 9 8.58 -4.74 -13.94
C GLY A 9 7.83 -4.79 -12.63
N CYS A 10 6.74 -4.01 -12.54
CA CYS A 10 5.87 -4.13 -11.39
C CYS A 10 4.98 -5.37 -11.54
N ASN A 11 4.66 -6.01 -10.43
CA ASN A 11 3.89 -7.24 -10.45
C ASN A 11 2.38 -6.95 -10.49
N ALA A 12 1.72 -7.30 -11.59
CA ALA A 12 0.28 -7.07 -11.71
C ALA A 12 -0.52 -8.01 -10.84
N LEU A 13 0.14 -9.08 -10.36
CA LEU A 13 -0.47 -10.03 -9.41
C LEU A 13 -1.75 -10.68 -9.92
N SER A 14 -1.80 -10.94 -11.22
CA SER A 14 -2.98 -11.55 -11.82
C SER A 14 -3.27 -12.89 -11.14
N GLY A 15 -4.49 -13.05 -10.66
CA GLY A 15 -4.90 -14.30 -10.04
C GLY A 15 -4.62 -14.35 -8.55
N LYS A 16 -4.00 -13.30 -8.03
CA LYS A 16 -3.54 -13.31 -6.65
C LYS A 16 -4.23 -12.25 -5.81
N ILE A 17 -5.12 -11.48 -6.42
CA ILE A 17 -5.83 -10.39 -5.76
C ILE A 17 -7.24 -10.84 -5.37
N MET A 18 -7.71 -10.40 -4.21
CA MET A 18 -9.08 -10.70 -3.75
C MET A 18 -10.14 -10.37 -4.80
N SER A 19 -11.22 -11.15 -4.80
CA SER A 19 -12.37 -10.80 -5.61
C SER A 19 -13.23 -9.78 -4.88
N GLY A 20 -13.96 -8.97 -5.64
CA GLY A 20 -14.94 -8.06 -5.08
C GLY A 20 -14.43 -6.90 -4.25
N PHE A 21 -13.21 -6.45 -4.51
CA PHE A 21 -12.64 -5.30 -3.81
C PHE A 21 -13.60 -4.12 -3.83
N ASP A 22 -13.91 -3.58 -2.66
CA ASP A 22 -14.85 -2.46 -2.55
C ASP A 22 -14.15 -1.17 -2.17
N ALA A 23 -13.84 -0.33 -3.17
CA ALA A 23 -13.04 0.88 -2.89
C ALA A 23 -13.75 1.77 -1.89
N ASN A 24 -15.07 1.76 -1.94
CA ASN A 24 -15.90 2.58 -1.06
C ASN A 24 -15.64 2.29 0.42
N ARG A 25 -15.34 1.04 0.73
CA ARG A 25 -15.13 0.66 2.13
C ARG A 25 -13.66 0.72 2.48
N PHE A 26 -12.78 0.63 1.48
CA PHE A 26 -11.36 0.66 1.78
C PHE A 26 -10.80 2.08 1.98
N PHE A 27 -11.15 3.01 1.10
CA PHE A 27 -10.63 4.37 1.19
C PHE A 27 -11.48 5.24 2.10
N THR A 28 -11.58 4.84 3.37
CA THR A 28 -12.24 5.63 4.40
C THR A 28 -11.44 5.48 5.67
N GLY A 29 -11.53 6.48 6.56
CA GLY A 29 -10.83 6.43 7.83
C GLY A 29 -9.32 6.40 7.72
N ASP A 30 -8.66 5.94 8.78
CA ASP A 30 -7.20 5.90 8.86
C ASP A 30 -6.66 4.50 8.72
N TRP A 31 -5.46 4.37 8.12
CA TRP A 31 -4.76 3.10 8.01
C TRP A 31 -3.32 3.24 8.51
N TYR A 32 -2.93 2.46 9.52
CA TYR A 32 -1.55 2.49 10.02
C TYR A 32 -0.69 1.48 9.26
N LEU A 33 0.47 1.89 8.77
CA LEU A 33 1.37 0.96 8.08
C LEU A 33 2.22 0.25 9.14
N THR A 34 1.83 -0.94 9.54
CA THR A 34 2.45 -1.58 10.71
C THR A 34 3.55 -2.58 10.37
N HIS A 35 3.47 -3.20 9.20
CA HIS A 35 4.45 -4.21 8.77
C HIS A 35 4.70 -4.14 7.28
N SER A 36 5.83 -4.66 6.83
CA SER A 36 6.11 -4.73 5.39
C SER A 36 7.18 -5.77 5.11
N ARG A 37 7.19 -6.31 3.90
CA ARG A 37 8.21 -7.26 3.49
C ARG A 37 9.62 -6.67 3.57
N ASP A 38 9.80 -5.49 3.01
CA ASP A 38 11.09 -4.80 3.05
C ASP A 38 10.88 -3.59 3.91
N SER A 39 11.90 -3.18 4.66
CA SER A 39 11.74 -2.04 5.55
C SER A 39 13.03 -1.25 5.66
N GLU A 40 12.91 0.03 6.00
CA GLU A 40 14.08 0.87 6.18
C GLU A 40 14.44 0.95 7.65
N VAL A 41 15.58 1.55 7.93
CA VAL A 41 15.92 1.95 9.29
C VAL A 41 16.12 3.47 9.31
N PRO A 42 15.67 4.13 10.38
CA PRO A 42 14.91 3.48 11.47
C PRO A 42 13.46 3.25 11.04
N VAL A 43 12.80 2.26 11.62
CA VAL A 43 11.39 2.08 11.30
C VAL A 43 10.59 3.24 11.90
N ARG A 44 9.45 3.53 11.28
CA ARG A 44 8.57 4.63 11.67
C ARG A 44 7.14 4.16 11.73
N CYS A 45 6.23 5.03 12.17
CA CYS A 45 4.80 4.72 12.12
C CYS A 45 4.06 5.68 11.20
N GLU A 46 3.80 5.25 9.99
CA GLU A 46 3.07 6.06 9.03
C GLU A 46 1.57 5.82 9.17
N LYS A 47 0.85 6.89 9.49
CA LYS A 47 -0.61 6.86 9.46
C LYS A 47 -1.11 7.45 8.15
N TYR A 48 -1.82 6.64 7.37
CA TYR A 48 -2.41 7.07 6.12
C TYR A 48 -3.84 7.54 6.37
N GLN A 49 -4.06 8.84 6.18
CA GLN A 49 -5.38 9.44 6.34
C GLN A 49 -6.07 9.51 4.97
N THR A 50 -7.31 9.05 4.88
CA THR A 50 -8.02 9.08 3.60
C THR A 50 -9.13 10.13 3.56
N GLY A 51 -9.52 10.51 2.36
CA GLY A 51 -10.61 11.45 2.15
C GLY A 51 -11.35 11.05 0.89
N SER A 52 -12.36 11.84 0.50
CA SER A 52 -13.11 11.54 -0.71
C SER A 52 -12.21 11.62 -1.93
N ASN A 53 -12.62 10.92 -2.99
CA ASN A 53 -12.00 11.05 -4.30
C ASN A 53 -10.55 10.62 -4.33
N LEU A 54 -10.25 9.55 -3.58
CA LEU A 54 -8.94 8.93 -3.53
C LEU A 54 -7.81 9.89 -3.13
N GLN A 55 -8.12 10.82 -2.23
CA GLN A 55 -7.10 11.70 -1.68
C GLN A 55 -6.52 11.05 -0.43
N LEU A 56 -5.24 11.24 -0.17
CA LEU A 56 -4.71 10.77 1.11
C LEU A 56 -3.56 11.62 1.61
N ASN A 57 -3.36 11.59 2.93
CA ASN A 57 -2.28 12.29 3.61
C ASN A 57 -1.56 11.29 4.47
N PHE A 58 -0.23 11.29 4.45
CA PHE A 58 0.47 10.53 5.49
C PHE A 58 1.71 11.25 5.93
N ASN A 59 2.19 10.88 7.13
CA ASN A 59 3.38 11.48 7.71
C ASN A 59 4.59 10.73 7.21
N GLY A 60 5.19 11.21 6.14
CA GLY A 60 6.26 10.51 5.46
C GLY A 60 7.63 10.73 6.08
N LYS A 61 8.67 10.30 5.37
CA LYS A 61 10.04 10.29 5.87
C LYS A 61 10.50 11.66 6.35
N ASN A 62 10.18 12.69 5.57
CA ASN A 62 10.49 14.06 5.95
C ASN A 62 9.33 14.99 5.62
N GLY A 63 8.30 14.95 6.45
CA GLY A 63 7.15 15.82 6.29
C GLY A 63 5.90 15.12 5.79
N ASP A 64 4.76 15.80 5.95
CA ASP A 64 3.51 15.27 5.43
C ASP A 64 3.63 15.05 3.92
N VAL A 65 2.98 14.00 3.45
CA VAL A 65 2.88 13.71 2.03
C VAL A 65 1.42 13.72 1.64
N LYS A 66 1.10 14.39 0.53
CA LYS A 66 -0.27 14.46 0.03
C LYS A 66 -0.35 13.77 -1.33
N CYS A 67 -1.30 12.87 -1.48
CA CYS A 67 -1.46 12.12 -2.72
C CYS A 67 -2.87 12.19 -3.26
N SER A 68 -2.98 12.18 -4.59
CA SER A 68 -4.27 12.09 -5.27
C SER A 68 -4.27 10.84 -6.15
N GLY A 69 -5.28 10.00 -6.00
CA GLY A 69 -5.29 8.73 -6.68
C GLY A 69 -6.21 8.65 -7.88
N SER A 70 -6.01 7.61 -8.69
CA SER A 70 -6.88 7.32 -9.81
C SER A 70 -6.68 5.86 -10.23
N THR A 71 -7.72 5.23 -10.77
CA THR A 71 -7.60 3.84 -11.21
C THR A 71 -6.68 3.73 -12.41
N VAL A 72 -6.04 2.58 -12.53
CA VAL A 72 -5.20 2.28 -13.68
C VAL A 72 -6.03 1.40 -14.64
N SER A 73 -6.42 1.95 -15.79
CA SER A 73 -7.39 1.27 -16.65
C SER A 73 -6.94 -0.13 -17.08
N GLY A 74 -5.65 -0.35 -17.32
CA GLY A 74 -5.19 -1.63 -17.83
C GLY A 74 -4.99 -2.75 -16.81
N ASN A 75 -4.95 -2.40 -15.53
CA ASN A 75 -4.65 -3.35 -14.47
C ASN A 75 -5.67 -3.33 -13.34
N GLN A 76 -6.57 -4.31 -13.35
CA GLN A 76 -7.66 -4.42 -12.39
C GLN A 76 -7.15 -4.36 -10.97
N GLY A 77 -7.74 -3.48 -10.16
CA GLY A 77 -7.40 -3.36 -8.75
C GLY A 77 -6.29 -2.35 -8.46
N PHE A 78 -5.59 -1.91 -9.51
CA PHE A 78 -4.49 -0.98 -9.30
C PHE A 78 -4.88 0.50 -9.35
N TYR A 79 -4.16 1.28 -8.54
CA TYR A 79 -4.33 2.72 -8.46
C TYR A 79 -3.01 3.42 -8.68
N SER A 80 -3.06 4.58 -9.30
CA SER A 80 -1.88 5.45 -9.41
C SER A 80 -2.04 6.64 -8.47
N PHE A 81 -1.04 6.90 -7.63
CA PHE A 81 -1.09 8.07 -6.75
C PHE A 81 -0.02 9.09 -7.15
N GLN A 82 -0.45 10.33 -7.36
CA GLN A 82 0.48 11.42 -7.57
C GLN A 82 0.67 12.12 -6.24
N CYS A 83 1.89 12.05 -5.70
CA CYS A 83 2.18 12.58 -4.37
C CYS A 83 3.13 13.74 -4.40
N THR A 84 2.92 14.67 -3.46
CA THR A 84 3.81 15.81 -3.27
C THR A 84 4.24 15.84 -1.82
N THR A 85 5.45 16.33 -1.56
CA THR A 85 6.01 16.34 -0.21
C THR A 85 6.28 17.76 0.28
N THR A 86 6.35 17.94 1.60
CA THR A 86 6.59 19.27 2.19
C THR A 86 7.93 19.89 1.79
N SER A 87 8.88 19.09 1.33
CA SER A 87 10.16 19.64 0.91
C SER A 87 10.12 20.05 -0.55
N GLY A 88 8.98 19.82 -1.20
CA GLY A 88 8.77 20.30 -2.55
C GLY A 88 8.95 19.23 -3.62
N GLY A 89 9.09 17.99 -3.18
CA GLY A 89 9.27 16.88 -4.08
C GLY A 89 7.97 16.36 -4.64
N SER A 90 8.07 15.59 -5.72
CA SER A 90 6.91 15.04 -6.39
C SER A 90 7.21 13.63 -6.90
N PHE A 91 6.26 12.71 -6.78
CA PHE A 91 6.44 11.37 -7.31
C PHE A 91 5.14 10.64 -7.55
N THR A 92 5.24 9.55 -8.31
CA THR A 92 4.11 8.70 -8.60
C THR A 92 4.32 7.32 -7.98
N SER A 93 3.26 6.72 -7.46
CA SER A 93 3.36 5.39 -6.83
C SER A 93 2.13 4.58 -7.18
N TYR A 94 2.31 3.27 -7.31
CA TYR A 94 1.22 2.40 -7.75
C TYR A 94 0.90 1.40 -6.67
N MET A 95 -0.37 1.04 -6.53
CA MET A 95 -0.75 0.16 -5.45
C MET A 95 -1.96 -0.69 -5.80
N ALA A 96 -2.05 -1.88 -5.21
CA ALA A 96 -3.27 -2.69 -5.27
C ALA A 96 -3.57 -3.28 -3.90
N VAL A 97 -4.85 -3.38 -3.53
CA VAL A 97 -5.20 -4.08 -2.31
C VAL A 97 -5.33 -5.57 -2.61
N VAL A 98 -4.43 -6.36 -2.02
CA VAL A 98 -4.40 -7.79 -2.24
C VAL A 98 -5.51 -8.52 -1.46
N GLU A 99 -5.60 -8.24 -0.16
CA GLU A 99 -6.65 -8.77 0.71
C GLU A 99 -6.97 -7.72 1.76
N THR A 100 -8.23 -7.65 2.17
CA THR A 100 -8.61 -6.78 3.27
C THR A 100 -9.96 -7.22 3.83
N ASP A 101 -10.18 -6.93 5.10
CA ASP A 101 -11.50 -7.11 5.68
C ASP A 101 -12.11 -5.75 6.00
N TYR A 102 -11.44 -4.71 5.55
CA TYR A 102 -11.91 -3.31 5.65
C TYR A 102 -11.93 -2.73 7.07
N ALA A 103 -12.38 -3.53 8.03
CA ALA A 103 -12.52 -3.06 9.41
C ALA A 103 -11.25 -3.25 10.24
N ASN A 104 -10.32 -4.09 9.79
CA ASN A 104 -9.17 -4.38 10.62
C ASN A 104 -7.83 -4.31 9.90
N TYR A 105 -7.68 -5.04 8.80
CA TYR A 105 -6.39 -5.15 8.12
C TYR A 105 -6.52 -5.00 6.62
N ALA A 106 -5.40 -4.68 5.97
CA ALA A 106 -5.34 -4.68 4.51
C ALA A 106 -3.94 -5.03 4.06
N LEU A 107 -3.83 -6.04 3.22
CA LEU A 107 -2.53 -6.38 2.62
C LEU A 107 -2.46 -5.71 1.25
N LEU A 108 -1.46 -4.85 1.07
CA LEU A 108 -1.32 -4.12 -0.18
C LEU A 108 -0.03 -4.45 -0.91
N TYR A 109 -0.03 -4.23 -2.21
CA TYR A 109 1.18 -4.28 -3.01
C TYR A 109 1.44 -2.89 -3.54
N ARG A 110 2.69 -2.44 -3.44
CA ARG A 110 3.05 -1.09 -3.88
C ARG A 110 4.27 -1.16 -4.77
N CYS A 111 4.32 -0.33 -5.81
CA CYS A 111 5.43 -0.41 -6.76
C CYS A 111 5.57 0.92 -7.51
N GLY A 112 6.80 1.30 -7.81
CA GLY A 112 7.06 2.53 -8.56
C GLY A 112 8.48 2.54 -9.06
N LEU A 113 8.78 3.42 -10.01
CA LEU A 113 10.14 3.55 -10.54
C LEU A 113 10.93 4.61 -9.79
N TYR A 114 10.21 5.62 -9.30
CA TYR A 114 10.80 6.73 -8.55
C TYR A 114 12.08 7.26 -9.19
N GLY A 115 12.01 7.53 -10.49
CA GLY A 115 13.11 8.14 -11.21
C GLY A 115 14.10 7.16 -11.81
N SER A 116 14.00 5.90 -11.41
CA SER A 116 14.89 4.84 -11.92
C SER A 116 14.25 4.07 -13.05
N THR A 117 15.00 3.12 -13.64
CA THR A 117 14.44 2.20 -14.61
C THR A 117 14.10 0.87 -13.93
N THR A 118 14.56 0.71 -12.70
CA THR A 118 14.30 -0.50 -11.93
C THR A 118 13.23 -0.22 -10.88
N PRO A 119 12.12 -0.96 -10.90
CA PRO A 119 11.06 -0.72 -9.93
C PRO A 119 11.46 -1.10 -8.50
N LYS A 120 10.98 -0.31 -7.54
CA LYS A 120 11.04 -0.69 -6.14
C LYS A 120 9.66 -1.08 -5.68
N ASP A 121 9.50 -2.28 -5.15
CA ASP A 121 8.18 -2.67 -4.69
C ASP A 121 8.20 -3.24 -3.29
N ASN A 122 7.02 -3.57 -2.79
CA ASN A 122 6.86 -4.02 -1.42
C ASN A 122 5.49 -4.66 -1.23
N PHE A 123 5.39 -5.48 -0.19
CA PHE A 123 4.07 -5.88 0.29
C PHE A 123 3.93 -5.23 1.64
N LEU A 124 2.78 -4.57 1.84
CA LEU A 124 2.51 -3.73 2.99
C LEU A 124 1.31 -4.24 3.78
N LEU A 125 1.44 -4.32 5.11
CA LEU A 125 0.32 -4.66 5.96
C LEU A 125 -0.16 -3.42 6.69
N PHE A 126 -1.41 -3.04 6.43
CA PHE A 126 -2.04 -1.91 7.09
C PHE A 126 -3.01 -2.41 8.13
N ASN A 127 -3.14 -1.65 9.20
CA ASN A 127 -4.03 -1.95 10.29
C ASN A 127 -4.82 -0.71 10.67
N ARG A 128 -6.05 -0.91 11.16
CA ARG A 128 -6.86 0.21 11.59
C ARG A 128 -6.37 0.74 12.92
N GLN A 129 -5.73 -0.12 13.72
CA GLN A 129 -5.11 0.32 14.98
C GLN A 129 -3.60 0.31 14.84
N SER A 130 -2.94 1.26 15.51
CA SER A 130 -1.47 1.30 15.51
C SER A 130 -0.86 0.07 16.18
N SER A 131 -1.65 -0.60 17.04
CA SER A 131 -1.18 -1.80 17.74
C SER A 131 -1.46 -3.09 16.95
N GLY A 132 -2.09 -2.95 15.79
CA GLY A 132 -2.46 -4.11 14.98
C GLY A 132 -1.25 -4.92 14.57
N GLU A 133 -1.41 -6.23 14.50
CA GLU A 133 -0.29 -7.04 14.01
C GLU A 133 -0.75 -7.95 12.88
N ILE A 134 -0.29 -9.19 12.86
CA ILE A 134 -0.56 -10.03 11.70
C ILE A 134 -1.81 -10.85 11.95
N PRO A 135 -2.86 -10.63 11.13
CA PRO A 135 -4.13 -11.29 11.39
C PRO A 135 -4.12 -12.76 11.00
N ALA A 136 -4.80 -13.58 11.79
CA ALA A 136 -4.93 -15.01 11.54
C ALA A 136 -5.49 -15.29 10.14
N GLY A 137 -6.39 -14.43 9.69
CA GLY A 137 -7.06 -14.64 8.42
C GLY A 137 -6.19 -14.51 7.17
N LEU A 138 -4.98 -13.99 7.33
CA LEU A 138 -4.06 -13.82 6.21
C LEU A 138 -3.01 -14.93 6.14
N SER A 139 -3.07 -15.86 7.09
CA SER A 139 -2.04 -16.88 7.23
CA SER A 139 -2.06 -16.89 7.24
C SER A 139 -1.74 -17.64 5.94
N THR A 140 -2.77 -18.24 5.34
CA THR A 140 -2.56 -18.99 4.10
C THR A 140 -2.15 -18.09 2.93
N LYS A 141 -2.78 -16.93 2.83
CA LYS A 141 -2.47 -16.00 1.75
C LYS A 141 -1.01 -15.55 1.82
N LEU A 142 -0.51 -15.32 3.03
CA LEU A 142 0.87 -14.90 3.23
C LEU A 142 1.80 -16.04 2.83
N ASN A 143 1.45 -17.27 3.21
CA ASN A 143 2.24 -18.43 2.81
CA ASN A 143 2.21 -18.45 2.80
C ASN A 143 2.31 -18.57 1.28
N GLN A 144 1.18 -18.35 0.62
CA GLN A 144 1.10 -18.46 -0.84
C GLN A 144 2.01 -17.46 -1.54
N LEU A 145 2.06 -16.24 -1.01
CA LEU A 145 2.89 -15.17 -1.56
C LEU A 145 4.32 -15.20 -1.05
N GLU A 146 4.66 -16.25 -0.30
CA GLU A 146 5.96 -16.38 0.33
C GLU A 146 6.32 -15.18 1.21
N LEU A 147 5.32 -14.62 1.88
CA LEU A 147 5.52 -13.52 2.80
C LEU A 147 5.50 -14.02 4.24
N THR A 148 6.42 -14.92 4.55
CA THR A 148 6.39 -15.65 5.81
C THR A 148 6.97 -14.86 6.98
N SER A 149 7.67 -13.76 6.72
CA SER A 149 8.25 -13.02 7.84
C SER A 149 8.26 -11.51 7.61
N LEU A 150 7.07 -10.92 7.64
CA LEU A 150 6.95 -9.47 7.47
C LEU A 150 7.70 -8.73 8.57
N ASN A 151 8.46 -7.71 8.20
CA ASN A 151 9.13 -6.85 9.15
C ASN A 151 8.14 -5.96 9.90
N LYS A 152 8.18 -5.99 11.22
CA LYS A 152 7.37 -5.05 11.99
C LYS A 152 7.99 -3.66 11.95
N LEU A 153 7.16 -2.62 11.80
CA LEU A 153 7.68 -1.26 11.69
C LEU A 153 7.60 -0.53 13.04
N GLY A 154 7.35 0.77 13.01
CA GLY A 154 7.48 1.60 14.20
C GLY A 154 6.19 1.91 14.97
N CYS A 155 5.08 1.27 14.61
CA CYS A 155 3.81 1.46 15.33
C CYS A 155 3.67 0.46 16.48
N SER A 156 2.98 0.85 17.55
CA SER A 156 2.65 -0.10 18.61
C SER A 156 1.26 0.15 19.22
#